data_2NPJ
#
_entry.id   2NPJ
#
_cell.length_a   110.512
_cell.length_b   110.512
_cell.length_c   84.179
_cell.angle_alpha   90.00
_cell.angle_beta   90.00
_cell.angle_gamma   120.00
#
_symmetry.space_group_name_H-M   'P 63'
#
loop_
_entity.id
_entity.type
_entity.pdbx_description
1 polymer 'Ammonia channel'
2 non-polymer 'ACETATE ION'
3 non-polymer IMIDAZOLE
4 water water
#
_entity_poly.entity_id   1
_entity_poly.type   'polypeptide(L)'
_entity_poly.pdbx_seq_one_letter_code
;APAVADKADNAFMMICTALVLFMTIPGIALFYGGLIRGKNVLSMLTQVTVTFALVCILWVVYGYSLAFGEGNNFFGNINW
LMLKNIELTAVMGSIYQYIHVAFQGSFACITVGLIVGALAERIRFSAVLIFVVVWLTLSYIPIAHMVWGGGLLASHGALD
FAGGTVVHINAAIAGLVGAYLIGKRVGFGKEAFKPHNLPMVFTGTAILYIGWFGFNAGSAGTANEIAALAFVNTVVATAA
AILGWIFGEWALRGKPSLLGACSGAIAGLVGVTPACGYIGVGGALIIGVVAGLAGLWGVTMLKRLLRVDDPCDVFGVFGV
CGIVGCIMTGIFAASSLGGVGFAEGVTMGHQLLVQLESIAITIVWSGVVAFIGYKLADLTVGLRVPEEQEREGLDVNSHG
ENAYNADQAQQPAQADLEHHHHHH
;
_entity_poly.pdbx_strand_id   A
#
loop_
_chem_comp.id
_chem_comp.type
_chem_comp.name
_chem_comp.formula
ACT non-polymer 'ACETATE ION' 'C2 H3 O2 -1'
IMD non-polymer IMIDAZOLE 'C3 H5 N2 1'
#
# COMPACT_ATOMS: atom_id res chain seq x y z
N ALA A 3 19.21 17.54 15.82
CA ALA A 3 18.78 17.27 14.41
C ALA A 3 18.16 18.51 13.77
N VAL A 4 18.68 18.90 12.61
CA VAL A 4 18.17 20.05 11.87
C VAL A 4 17.53 19.57 10.56
N ALA A 5 16.50 20.27 10.10
CA ALA A 5 15.83 19.87 8.87
C ALA A 5 16.64 20.29 7.66
N ASP A 6 16.66 19.41 6.65
CA ASP A 6 17.37 19.68 5.42
C ASP A 6 16.28 20.13 4.45
N LYS A 7 16.39 21.36 3.94
CA LYS A 7 15.39 21.92 3.02
C LYS A 7 15.20 21.10 1.75
N ALA A 8 16.26 20.44 1.28
CA ALA A 8 16.17 19.60 0.07
C ALA A 8 15.26 18.39 0.36
N ASP A 9 15.40 17.82 1.55
CA ASP A 9 14.60 16.68 1.96
C ASP A 9 13.16 17.13 2.23
N ASN A 10 13.00 18.32 2.80
CA ASN A 10 11.67 18.87 3.06
C ASN A 10 10.92 19.01 1.74
N ALA A 11 11.59 19.59 0.75
CA ALA A 11 11.00 19.82 -0.59
C ALA A 11 10.62 18.49 -1.23
N PHE A 12 11.57 17.55 -1.26
CA PHE A 12 11.34 16.24 -1.85
C PHE A 12 10.13 15.53 -1.22
N MET A 13 10.10 15.54 0.11
CA MET A 13 9.05 14.85 0.87
C MET A 13 7.66 15.47 0.77
N MET A 14 7.60 16.79 0.63
CA MET A 14 6.29 17.45 0.44
C MET A 14 5.80 17.11 -0.98
N ILE A 15 6.70 17.13 -1.96
CA ILE A 15 6.27 16.76 -3.33
C ILE A 15 5.87 15.27 -3.38
N CYS A 16 6.66 14.41 -2.73
CA CYS A 16 6.32 12.97 -2.69
C CYS A 16 4.95 12.75 -2.03
N THR A 17 4.61 13.53 -1.01
CA THR A 17 3.33 13.40 -0.33
C THR A 17 2.19 13.76 -1.28
N ALA A 18 2.35 14.84 -2.04
CA ALA A 18 1.33 15.26 -3.01
C ALA A 18 1.17 14.15 -4.06
N LEU A 19 2.29 13.55 -4.47
CA LEU A 19 2.24 12.43 -5.42
C LEU A 19 1.46 11.23 -4.85
N VAL A 20 1.65 10.92 -3.57
CA VAL A 20 0.89 9.78 -2.97
C VAL A 20 -0.59 10.16 -2.85
N LEU A 21 -0.88 11.41 -2.50
CA LEU A 21 -2.28 11.84 -2.41
C LEU A 21 -2.96 11.71 -3.79
N PHE A 22 -2.19 12.01 -4.83
CA PHE A 22 -2.61 11.93 -6.26
C PHE A 22 -3.01 10.48 -6.61
N MET A 23 -2.39 9.50 -5.95
CA MET A 23 -2.71 8.07 -6.17
C MET A 23 -4.16 7.76 -5.78
N THR A 24 -4.67 8.42 -4.75
CA THR A 24 -6.06 8.20 -4.32
C THR A 24 -6.98 9.17 -5.07
N ILE A 25 -6.62 10.45 -5.05
CA ILE A 25 -7.42 11.50 -5.66
C ILE A 25 -6.67 12.10 -6.85
N PRO A 26 -6.99 11.64 -8.08
CA PRO A 26 -8.06 10.71 -8.45
C PRO A 26 -7.64 9.30 -8.90
N GLY A 27 -6.35 8.96 -8.82
CA GLY A 27 -5.86 7.64 -9.28
C GLY A 27 -6.73 6.40 -9.11
N ILE A 28 -6.86 5.96 -7.86
CA ILE A 28 -7.63 4.76 -7.54
C ILE A 28 -9.11 4.90 -7.89
N ALA A 29 -9.63 6.12 -7.78
CA ALA A 29 -11.04 6.38 -8.10
C ALA A 29 -11.31 6.15 -9.58
N LEU A 30 -10.39 6.61 -10.44
CA LEU A 30 -10.56 6.42 -11.89
C LEU A 30 -10.33 4.96 -12.28
N PHE A 31 -9.37 4.33 -11.61
CA PHE A 31 -9.05 2.94 -11.85
C PHE A 31 -10.30 2.08 -11.66
N TYR A 32 -10.92 2.18 -10.48
CA TYR A 32 -12.15 1.44 -10.20
C TYR A 32 -13.31 1.97 -11.03
N GLY A 33 -13.30 3.27 -11.28
CA GLY A 33 -14.36 3.92 -12.07
C GLY A 33 -14.56 3.31 -13.43
N GLY A 34 -13.48 2.85 -14.05
CA GLY A 34 -13.60 2.23 -15.38
C GLY A 34 -13.90 0.74 -15.33
N LEU A 35 -13.71 0.14 -14.16
CA LEU A 35 -13.94 -1.30 -13.96
C LEU A 35 -15.35 -1.69 -13.54
N ILE A 36 -15.98 -0.87 -12.72
CA ILE A 36 -17.33 -1.16 -12.22
C ILE A 36 -18.42 -0.73 -13.18
N ARG A 37 -19.63 -1.24 -12.96
CA ARG A 37 -20.78 -0.90 -13.78
C ARG A 37 -21.01 0.61 -13.77
N GLY A 38 -21.34 1.15 -14.93
CA GLY A 38 -21.59 2.59 -15.12
C GLY A 38 -22.56 3.22 -14.13
N LYS A 39 -23.65 2.51 -13.85
CA LYS A 39 -24.68 2.97 -12.92
C LYS A 39 -24.19 3.13 -11.47
N ASN A 40 -23.03 2.54 -11.16
CA ASN A 40 -22.48 2.63 -9.80
C ASN A 40 -21.30 3.57 -9.65
N VAL A 41 -20.84 4.13 -10.76
CA VAL A 41 -19.66 5.03 -10.74
C VAL A 41 -19.80 6.25 -9.83
N LEU A 42 -20.90 6.99 -9.95
CA LEU A 42 -21.08 8.21 -9.13
C LEU A 42 -21.03 7.93 -7.62
N SER A 43 -21.74 6.88 -7.21
CA SER A 43 -21.79 6.47 -5.82
C SER A 43 -20.40 6.07 -5.31
N MET A 44 -19.65 5.33 -6.12
CA MET A 44 -18.32 4.92 -5.75
C MET A 44 -17.40 6.12 -5.60
N LEU A 45 -17.47 7.07 -6.54
CA LEU A 45 -16.60 8.26 -6.48
C LEU A 45 -16.90 9.06 -5.20
N THR A 46 -18.18 9.13 -4.83
CA THR A 46 -18.63 9.83 -3.61
C THR A 46 -18.06 9.14 -2.36
N GLN A 47 -18.20 7.81 -2.30
CA GLN A 47 -17.67 7.03 -1.17
C GLN A 47 -16.14 7.15 -1.05
N VAL A 48 -15.44 7.11 -2.18
CA VAL A 48 -13.97 7.24 -2.14
C VAL A 48 -13.56 8.61 -1.61
N THR A 49 -14.25 9.67 -2.06
CA THR A 49 -13.95 11.05 -1.65
C THR A 49 -14.24 11.32 -0.17
N VAL A 50 -15.41 10.86 0.28
CA VAL A 50 -15.85 11.06 1.67
C VAL A 50 -14.99 10.25 2.64
N THR A 51 -14.67 9.00 2.28
CA THR A 51 -13.83 8.16 3.15
C THR A 51 -12.39 8.69 3.16
N PHE A 52 -11.95 9.30 2.06
CA PHE A 52 -10.62 9.90 1.99
C PHE A 52 -10.58 11.03 3.02
N ALA A 53 -11.61 11.87 3.01
CA ALA A 53 -11.71 12.99 3.94
C ALA A 53 -11.71 12.48 5.39
N LEU A 54 -12.49 11.43 5.64
CA LEU A 54 -12.58 10.83 6.96
C LEU A 54 -11.20 10.36 7.45
N VAL A 55 -10.44 9.68 6.59
CA VAL A 55 -9.11 9.18 6.95
C VAL A 55 -8.18 10.34 7.29
N CYS A 56 -8.21 11.39 6.47
CA CYS A 56 -7.39 12.57 6.72
C CYS A 56 -7.63 13.14 8.13
N ILE A 57 -8.91 13.26 8.51
CA ILE A 57 -9.28 13.78 9.82
C ILE A 57 -8.92 12.85 10.97
N LEU A 58 -9.24 11.55 10.84
CA LEU A 58 -8.89 10.60 11.89
C LEU A 58 -7.37 10.56 12.10
N TRP A 59 -6.63 10.71 11.00
CA TRP A 59 -5.16 10.70 11.06
C TRP A 59 -4.60 11.82 11.93
N VAL A 60 -5.07 13.05 11.69
CA VAL A 60 -4.59 14.20 12.45
C VAL A 60 -5.09 14.18 13.89
N VAL A 61 -6.35 13.80 14.08
CA VAL A 61 -6.90 13.75 15.44
C VAL A 61 -6.16 12.76 16.35
N TYR A 62 -6.00 11.52 15.91
CA TYR A 62 -5.34 10.51 16.74
C TYR A 62 -4.52 9.45 16.00
N GLY A 63 -4.75 9.29 14.70
CA GLY A 63 -4.06 8.28 13.91
C GLY A 63 -2.54 8.33 13.93
N TYR A 64 -1.99 9.50 13.59
CA TYR A 64 -0.55 9.68 13.58
C TYR A 64 0.07 9.36 14.94
N SER A 65 -0.54 9.87 16.01
CA SER A 65 -0.07 9.66 17.38
C SER A 65 -0.02 8.18 17.76
N LEU A 66 -1.09 7.45 17.43
CA LEU A 66 -1.20 6.03 17.75
C LEU A 66 -0.34 5.13 16.88
N ALA A 67 -0.03 5.60 15.68
CA ALA A 67 0.80 4.83 14.76
C ALA A 67 2.29 5.13 14.97
N PHE A 68 2.62 6.40 15.14
CA PHE A 68 4.02 6.80 15.27
C PHE A 68 4.56 7.30 16.60
N GLY A 69 3.72 7.40 17.62
CA GLY A 69 4.18 7.82 18.93
C GLY A 69 4.86 6.63 19.59
N GLU A 70 5.60 6.87 20.66
CA GLU A 70 6.25 5.76 21.35
C GLU A 70 5.23 5.10 22.27
N GLY A 71 5.14 3.79 22.21
CA GLY A 71 4.20 3.05 23.04
C GLY A 71 4.72 1.65 23.32
N ASN A 72 4.12 0.66 22.66
CA ASN A 72 4.53 -0.72 22.84
C ASN A 72 4.80 -1.37 21.49
N ASN A 73 4.75 -2.70 21.43
CA ASN A 73 4.99 -3.41 20.18
C ASN A 73 3.84 -3.26 19.18
N PHE A 74 2.65 -2.90 19.67
CA PHE A 74 1.46 -2.80 18.82
C PHE A 74 0.88 -1.43 18.56
N PHE A 75 0.93 -0.53 19.55
CA PHE A 75 0.41 0.81 19.33
C PHE A 75 1.25 1.88 20.01
N GLY A 76 1.14 3.11 19.50
CA GLY A 76 1.87 4.23 20.03
C GLY A 76 1.22 4.78 21.29
N ASN A 77 0.89 6.07 21.28
CA ASN A 77 0.27 6.72 22.43
C ASN A 77 -0.70 7.82 22.00
N ILE A 78 -1.24 8.55 22.96
CA ILE A 78 -2.18 9.63 22.69
C ILE A 78 -1.57 10.99 23.08
N ASN A 79 -0.24 11.08 23.04
CA ASN A 79 0.47 12.31 23.39
C ASN A 79 0.51 13.33 22.23
N TRP A 80 0.18 12.87 21.03
CA TRP A 80 0.16 13.72 19.83
C TRP A 80 -1.24 13.91 19.23
N LEU A 81 -2.26 13.97 20.09
CA LEU A 81 -3.64 14.17 19.66
C LEU A 81 -3.77 15.54 19.01
N MET A 82 -4.27 15.59 17.77
CA MET A 82 -4.39 16.85 17.03
C MET A 82 -3.00 17.50 16.90
N LEU A 83 -1.97 16.65 16.91
CA LEU A 83 -0.56 17.07 16.79
C LEU A 83 -0.07 17.92 17.96
N LYS A 84 -0.77 17.85 19.08
CA LYS A 84 -0.40 18.57 20.28
C LYS A 84 0.99 18.09 20.70
N ASN A 85 1.78 18.99 21.25
CA ASN A 85 3.14 18.70 21.70
C ASN A 85 4.18 18.53 20.60
N ILE A 86 3.78 18.76 19.34
CA ILE A 86 4.72 18.67 18.23
C ILE A 86 5.03 20.11 17.84
N GLU A 87 6.24 20.55 18.15
CA GLU A 87 6.65 21.91 17.81
C GLU A 87 6.70 22.01 16.29
N LEU A 88 6.33 23.16 15.75
CA LEU A 88 6.34 23.36 14.31
C LEU A 88 7.72 23.08 13.71
N THR A 89 8.77 23.44 14.46
CA THR A 89 10.13 23.23 14.00
C THR A 89 10.70 21.87 14.39
N ALA A 90 9.87 20.98 14.95
CA ALA A 90 10.34 19.65 15.34
C ALA A 90 10.77 18.87 14.10
N VAL A 91 11.88 18.14 14.24
CA VAL A 91 12.44 17.35 13.14
C VAL A 91 12.31 15.84 13.37
N MET A 92 11.93 15.12 12.32
CA MET A 92 11.81 13.66 12.33
C MET A 92 12.72 13.22 11.19
N GLY A 93 13.85 12.57 11.51
CA GLY A 93 14.79 12.15 10.47
C GLY A 93 15.53 13.39 10.02
N SER A 94 15.35 13.79 8.75
CA SER A 94 15.98 15.01 8.23
C SER A 94 14.95 16.01 7.70
N ILE A 95 13.69 15.81 8.08
CA ILE A 95 12.60 16.69 7.64
C ILE A 95 11.76 17.15 8.82
N TYR A 96 10.98 18.22 8.63
CA TYR A 96 10.11 18.70 9.69
C TYR A 96 9.07 17.60 9.95
N GLN A 97 8.79 17.35 11.22
CA GLN A 97 7.83 16.32 11.63
C GLN A 97 6.46 16.50 10.97
N TYR A 98 6.03 17.74 10.77
CA TYR A 98 4.75 17.99 10.10
C TYR A 98 4.70 17.34 8.72
N ILE A 99 5.84 17.31 8.03
CA ILE A 99 5.90 16.68 6.69
C ILE A 99 5.76 15.15 6.84
N HIS A 100 6.40 14.61 7.89
CA HIS A 100 6.32 13.17 8.21
C HIS A 100 4.84 12.80 8.50
N VAL A 101 4.14 13.70 9.21
CA VAL A 101 2.71 13.48 9.50
C VAL A 101 1.93 13.38 8.17
N ALA A 102 2.14 14.34 7.27
CA ALA A 102 1.41 14.34 5.98
C ALA A 102 1.77 13.15 5.11
N PHE A 103 3.06 12.83 5.01
CA PHE A 103 3.53 11.69 4.20
C PHE A 103 2.90 10.38 4.70
N GLN A 104 3.00 10.14 6.00
CA GLN A 104 2.45 8.93 6.59
C GLN A 104 0.91 8.86 6.42
N GLY A 105 0.25 9.99 6.55
CA GLY A 105 -1.20 10.07 6.37
C GLY A 105 -1.63 9.68 4.96
N SER A 106 -0.82 10.07 3.97
CA SER A 106 -1.13 9.76 2.56
C SER A 106 -1.16 8.25 2.27
N PHE A 107 -0.34 7.50 3.02
CA PHE A 107 -0.29 6.04 2.89
C PHE A 107 -1.57 5.41 3.45
N ALA A 108 -2.07 5.99 4.55
CA ALA A 108 -3.31 5.50 5.15
C ALA A 108 -4.45 5.73 4.14
N CYS A 109 -4.42 6.88 3.47
CA CYS A 109 -5.43 7.24 2.47
C CYS A 109 -5.51 6.27 1.28
N ILE A 110 -4.38 5.96 0.67
CA ILE A 110 -4.40 5.04 -0.48
C ILE A 110 -4.81 3.64 -0.05
N THR A 111 -4.38 3.22 1.15
CA THR A 111 -4.75 1.89 1.65
C THR A 111 -6.27 1.78 1.72
N VAL A 112 -6.91 2.78 2.32
CA VAL A 112 -8.37 2.80 2.44
C VAL A 112 -9.07 2.93 1.08
N GLY A 113 -8.50 3.74 0.19
CA GLY A 113 -9.07 3.93 -1.17
C GLY A 113 -9.11 2.60 -1.93
N LEU A 114 -8.06 1.80 -1.75
CA LEU A 114 -7.97 0.47 -2.40
C LEU A 114 -9.17 -0.40 -2.02
N ILE A 115 -9.54 -0.36 -0.75
CA ILE A 115 -10.68 -1.15 -0.26
C ILE A 115 -12.02 -0.55 -0.68
N VAL A 116 -12.21 0.75 -0.40
CA VAL A 116 -13.48 1.41 -0.70
C VAL A 116 -13.87 1.42 -2.18
N GLY A 117 -12.90 1.68 -3.04
CA GLY A 117 -13.18 1.73 -4.48
C GLY A 117 -13.80 0.46 -5.01
N ALA A 118 -13.34 -0.69 -4.51
CA ALA A 118 -13.86 -1.98 -4.96
C ALA A 118 -15.21 -2.35 -4.35
N LEU A 119 -15.35 -2.12 -3.05
CA LEU A 119 -16.59 -2.50 -2.35
C LEU A 119 -17.75 -1.51 -2.35
N ALA A 120 -17.49 -0.25 -2.74
CA ALA A 120 -18.52 0.81 -2.77
C ALA A 120 -19.83 0.39 -3.41
N GLU A 121 -19.72 -0.34 -4.52
CA GLU A 121 -20.85 -0.85 -5.28
C GLU A 121 -21.86 -1.66 -4.46
N ARG A 122 -21.36 -2.47 -3.53
CA ARG A 122 -22.21 -3.36 -2.74
C ARG A 122 -22.49 -2.98 -1.28
N ILE A 123 -21.84 -1.94 -0.79
CA ILE A 123 -21.99 -1.53 0.61
C ILE A 123 -22.75 -0.22 0.84
N ARG A 124 -23.56 -0.22 1.89
CA ARG A 124 -24.35 0.95 2.30
C ARG A 124 -23.35 2.05 2.69
N PHE A 125 -23.66 3.29 2.34
CA PHE A 125 -22.78 4.44 2.64
C PHE A 125 -22.40 4.53 4.12
N SER A 126 -23.39 4.48 5.01
CA SER A 126 -23.13 4.57 6.45
C SER A 126 -22.29 3.40 6.97
N ALA A 127 -22.46 2.23 6.35
CA ALA A 127 -21.73 1.03 6.73
C ALA A 127 -20.25 1.14 6.38
N VAL A 128 -19.92 1.76 5.24
CA VAL A 128 -18.52 1.92 4.84
C VAL A 128 -17.79 2.89 5.78
N LEU A 129 -18.49 3.93 6.23
CA LEU A 129 -17.91 4.92 7.14
C LEU A 129 -17.57 4.24 8.47
N ILE A 130 -18.49 3.39 8.95
CA ILE A 130 -18.27 2.66 10.21
C ILE A 130 -17.07 1.72 10.03
N PHE A 131 -17.05 0.99 8.92
CA PHE A 131 -15.97 0.05 8.65
C PHE A 131 -14.62 0.75 8.61
N VAL A 132 -14.54 1.88 7.90
CA VAL A 132 -13.29 2.64 7.80
C VAL A 132 -12.76 3.02 9.18
N VAL A 133 -13.63 3.57 10.03
CA VAL A 133 -13.23 3.97 11.38
C VAL A 133 -12.64 2.77 12.14
N VAL A 134 -13.33 1.64 12.13
CA VAL A 134 -12.86 0.43 12.83
C VAL A 134 -11.56 -0.14 12.26
N TRP A 135 -11.53 -0.33 10.94
CA TRP A 135 -10.37 -0.90 10.29
C TRP A 135 -9.13 0.01 10.30
N LEU A 136 -9.31 1.31 10.08
CA LEU A 136 -8.15 2.21 10.10
C LEU A 136 -7.53 2.22 11.51
N THR A 137 -8.39 2.38 12.51
CA THR A 137 -7.97 2.43 13.91
C THR A 137 -7.35 1.16 14.45
N LEU A 138 -7.97 0.02 14.16
CA LEU A 138 -7.51 -1.26 14.69
C LEU A 138 -6.64 -2.14 13.78
N SER A 139 -6.55 -1.80 12.50
CA SER A 139 -5.72 -2.59 11.60
C SER A 139 -4.61 -1.75 10.98
N TYR A 140 -4.96 -0.68 10.26
CA TYR A 140 -3.91 0.15 9.64
C TYR A 140 -2.92 0.73 10.65
N ILE A 141 -3.44 1.39 11.69
CA ILE A 141 -2.62 2.01 12.72
C ILE A 141 -1.66 1.03 13.43
N PRO A 142 -2.17 -0.07 14.04
CA PRO A 142 -1.25 -1.01 14.68
C PRO A 142 -0.22 -1.65 13.73
N ILE A 143 -0.64 -1.98 12.50
CA ILE A 143 0.28 -2.61 11.53
C ILE A 143 1.37 -1.59 11.12
N ALA A 144 0.97 -0.32 10.94
CA ALA A 144 1.91 0.74 10.61
C ALA A 144 2.89 0.88 11.76
N HIS A 145 2.37 0.84 12.99
CA HIS A 145 3.22 0.95 14.17
C HIS A 145 4.20 -0.22 14.27
N MET A 146 3.70 -1.42 13.99
CA MET A 146 4.51 -2.63 14.06
C MET A 146 5.64 -2.66 13.02
N VAL A 147 5.37 -2.12 11.84
CA VAL A 147 6.36 -2.15 10.77
C VAL A 147 7.25 -0.90 10.67
N TRP A 148 6.65 0.28 10.75
CA TRP A 148 7.39 1.53 10.62
C TRP A 148 7.49 2.38 11.87
N GLY A 149 6.76 2.00 12.92
CA GLY A 149 6.77 2.79 14.15
C GLY A 149 7.54 2.17 15.30
N GLY A 150 8.52 1.33 14.97
CA GLY A 150 9.36 0.68 15.98
C GLY A 150 8.68 -0.45 16.74
N GLY A 151 7.58 -0.96 16.20
CA GLY A 151 6.84 -2.04 16.86
C GLY A 151 7.41 -3.43 16.65
N LEU A 152 6.56 -4.43 16.87
CA LEU A 152 6.92 -5.84 16.76
C LEU A 152 7.73 -6.31 15.55
N LEU A 153 7.21 -6.05 14.35
CA LEU A 153 7.87 -6.49 13.11
C LEU A 153 9.22 -5.80 12.87
N ALA A 154 9.26 -4.48 13.04
CA ALA A 154 10.51 -3.73 12.89
C ALA A 154 11.56 -4.23 13.91
N SER A 155 11.12 -4.47 15.15
CA SER A 155 12.01 -4.94 16.20
C SER A 155 12.61 -6.32 15.91
N HIS A 156 12.04 -7.04 14.95
CA HIS A 156 12.54 -8.36 14.55
C HIS A 156 13.27 -8.25 13.21
N GLY A 157 13.40 -7.03 12.73
CA GLY A 157 14.10 -6.71 11.49
C GLY A 157 13.40 -7.04 10.18
N ALA A 158 12.08 -6.91 10.16
CA ALA A 158 11.30 -7.16 8.96
C ALA A 158 11.64 -6.09 7.93
N LEU A 159 11.76 -6.48 6.68
CA LEU A 159 12.07 -5.53 5.61
C LEU A 159 10.82 -5.26 4.79
N ASP A 160 10.45 -3.98 4.70
CA ASP A 160 9.27 -3.56 3.95
C ASP A 160 9.46 -2.08 3.72
N PHE A 161 10.20 -1.75 2.66
CA PHE A 161 10.52 -0.37 2.35
C PHE A 161 9.34 0.59 2.24
N ALA A 162 8.35 0.24 1.42
CA ALA A 162 7.23 1.14 1.18
C ALA A 162 5.81 0.61 1.49
N GLY A 163 5.71 -0.56 2.10
CA GLY A 163 4.37 -1.07 2.47
C GLY A 163 3.74 -2.27 1.82
N GLY A 164 4.54 -3.30 1.53
CA GLY A 164 4.01 -4.53 0.94
C GLY A 164 3.02 -5.10 1.96
N THR A 165 3.35 -5.00 3.25
CA THR A 165 2.45 -5.48 4.31
C THR A 165 1.44 -4.39 4.70
N VAL A 166 1.93 -3.27 5.23
CA VAL A 166 1.11 -2.15 5.72
C VAL A 166 0.02 -1.69 4.75
N VAL A 167 0.37 -1.63 3.47
CA VAL A 167 -0.60 -1.18 2.47
C VAL A 167 -1.26 -2.31 1.67
N HIS A 168 -0.48 -2.96 0.82
CA HIS A 168 -0.99 -3.99 -0.09
C HIS A 168 -1.65 -5.22 0.49
N ILE A 169 -0.92 -5.96 1.33
CA ILE A 169 -1.49 -7.17 1.92
C ILE A 169 -2.62 -6.81 2.88
N ASN A 170 -2.39 -5.74 3.66
CA ASN A 170 -3.36 -5.25 4.64
C ASN A 170 -4.70 -4.96 3.94
N ALA A 171 -4.67 -4.18 2.86
CA ALA A 171 -5.90 -3.85 2.11
C ALA A 171 -6.51 -5.04 1.37
N ALA A 172 -5.68 -5.87 0.75
CA ALA A 172 -6.16 -7.03 -0.01
C ALA A 172 -6.99 -7.97 0.85
N ILE A 173 -6.50 -8.27 2.05
CA ILE A 173 -7.21 -9.16 2.96
C ILE A 173 -8.52 -8.53 3.39
N ALA A 174 -8.49 -7.23 3.73
CA ALA A 174 -9.71 -6.54 4.15
C ALA A 174 -10.75 -6.54 3.04
N GLY A 175 -10.30 -6.31 1.80
CA GLY A 175 -11.20 -6.31 0.65
C GLY A 175 -11.77 -7.69 0.37
N LEU A 176 -10.92 -8.72 0.49
CA LEU A 176 -11.32 -10.11 0.26
C LEU A 176 -12.33 -10.59 1.31
N VAL A 177 -12.19 -10.12 2.55
CA VAL A 177 -13.14 -10.50 3.60
C VAL A 177 -14.48 -9.87 3.20
N GLY A 178 -14.43 -8.64 2.71
CA GLY A 178 -15.62 -7.90 2.26
C GLY A 178 -16.30 -8.59 1.10
N ALA A 179 -15.50 -9.02 0.12
CA ALA A 179 -16.02 -9.72 -1.06
C ALA A 179 -16.76 -10.98 -0.66
N TYR A 180 -16.19 -11.70 0.31
CA TYR A 180 -16.79 -12.93 0.82
C TYR A 180 -18.12 -12.68 1.53
N LEU A 181 -18.18 -11.61 2.31
CA LEU A 181 -19.41 -11.27 3.06
C LEU A 181 -20.49 -10.66 2.18
N PRO A 195 -15.22 -4.37 -17.94
CA PRO A 195 -15.03 -2.93 -17.80
C PRO A 195 -15.77 -2.16 -18.88
N HIS A 196 -16.53 -1.14 -18.46
CA HIS A 196 -17.31 -0.32 -19.39
C HIS A 196 -16.50 0.84 -19.96
N ASN A 197 -15.37 1.16 -19.31
CA ASN A 197 -14.52 2.26 -19.72
C ASN A 197 -13.03 1.98 -19.52
N LEU A 198 -12.43 1.22 -20.42
CA LEU A 198 -11.01 0.90 -20.31
C LEU A 198 -10.04 2.08 -20.43
N PRO A 199 -10.34 3.08 -21.29
CA PRO A 199 -9.51 4.31 -21.24
C PRO A 199 -9.45 4.94 -19.83
N MET A 200 -10.54 4.85 -19.07
CA MET A 200 -10.56 5.38 -17.71
C MET A 200 -9.67 4.50 -16.82
N VAL A 201 -9.74 3.17 -17.00
CA VAL A 201 -8.89 2.26 -16.20
C VAL A 201 -7.42 2.57 -16.48
N PHE A 202 -7.11 2.78 -17.76
CA PHE A 202 -5.74 3.11 -18.18
C PHE A 202 -5.29 4.44 -17.53
N THR A 203 -6.16 5.44 -17.55
CA THR A 203 -5.84 6.73 -16.99
C THR A 203 -5.57 6.61 -15.48
N GLY A 204 -6.40 5.84 -14.76
CA GLY A 204 -6.21 5.64 -13.33
C GLY A 204 -4.90 4.90 -13.07
N THR A 205 -4.60 3.90 -13.91
CA THR A 205 -3.35 3.13 -13.78
C THR A 205 -2.12 4.05 -13.94
N ALA A 206 -2.20 4.93 -14.94
CA ALA A 206 -1.11 5.88 -15.22
C ALA A 206 -0.86 6.81 -14.03
N ILE A 207 -1.93 7.35 -13.47
CA ILE A 207 -1.85 8.26 -12.31
C ILE A 207 -1.29 7.48 -11.10
N LEU A 208 -1.73 6.23 -10.92
CA LEU A 208 -1.21 5.40 -9.83
C LEU A 208 0.30 5.23 -10.03
N TYR A 209 0.71 4.96 -11.27
CA TYR A 209 2.13 4.76 -11.61
C TYR A 209 2.98 6.00 -11.29
N ILE A 210 2.57 7.15 -11.79
CA ILE A 210 3.32 8.40 -11.55
C ILE A 210 3.37 8.73 -10.04
N GLY A 211 2.22 8.62 -9.37
CA GLY A 211 2.16 8.89 -7.94
C GLY A 211 3.02 7.92 -7.14
N TRP A 212 3.18 6.70 -7.66
CA TRP A 212 3.97 5.65 -7.01
C TRP A 212 5.45 5.99 -6.86
N PHE A 213 5.93 6.95 -7.66
CA PHE A 213 7.33 7.36 -7.50
C PHE A 213 7.48 8.11 -6.17
N GLY A 214 6.44 8.84 -5.78
CA GLY A 214 6.45 9.54 -4.49
C GLY A 214 6.32 8.50 -3.38
N PHE A 215 5.47 7.50 -3.63
CA PHE A 215 5.20 6.38 -2.69
C PHE A 215 6.48 5.60 -2.40
N ASN A 216 7.15 5.15 -3.46
CA ASN A 216 8.37 4.36 -3.31
C ASN A 216 9.64 5.16 -2.99
N ALA A 217 10.01 6.12 -3.83
CA ALA A 217 11.21 6.91 -3.60
C ALA A 217 11.11 7.77 -2.33
N GLY A 218 9.92 8.28 -2.03
CA GLY A 218 9.71 9.11 -0.83
C GLY A 218 9.89 8.29 0.44
N SER A 219 9.74 6.97 0.34
CA SER A 219 9.90 6.09 1.49
C SER A 219 11.33 6.09 2.06
N ALA A 220 12.27 6.70 1.33
CA ALA A 220 13.65 6.82 1.82
C ALA A 220 13.72 7.93 2.87
N GLY A 221 12.78 8.87 2.79
CA GLY A 221 12.70 10.02 3.71
C GLY A 221 13.71 11.12 3.44
N THR A 222 14.41 11.01 2.32
CA THR A 222 15.45 11.97 1.92
C THR A 222 15.78 11.77 0.45
N ALA A 223 16.25 12.81 -0.21
CA ALA A 223 16.62 12.72 -1.62
C ALA A 223 18.07 12.26 -1.73
N ASN A 224 18.31 11.01 -1.31
CA ASN A 224 19.64 10.42 -1.33
C ASN A 224 19.78 9.29 -2.36
N GLU A 225 20.82 8.48 -2.21
CA GLU A 225 21.07 7.37 -3.14
C GLU A 225 20.04 6.22 -3.00
N ILE A 226 19.42 6.10 -1.84
CA ILE A 226 18.40 5.07 -1.60
C ILE A 226 17.11 5.49 -2.31
N ALA A 227 16.82 6.79 -2.29
CA ALA A 227 15.63 7.28 -2.99
C ALA A 227 15.84 7.04 -4.50
N ALA A 228 17.08 7.29 -4.98
CA ALA A 228 17.43 7.09 -6.39
C ALA A 228 17.30 5.62 -6.78
N LEU A 229 17.75 4.74 -5.88
CA LEU A 229 17.67 3.30 -6.10
C LEU A 229 16.21 2.87 -6.20
N ALA A 230 15.40 3.31 -5.24
CA ALA A 230 13.98 2.96 -5.21
C ALA A 230 13.29 3.48 -6.47
N PHE A 231 13.69 4.68 -6.92
CA PHE A 231 13.11 5.27 -8.12
C PHE A 231 13.37 4.37 -9.34
N VAL A 232 14.64 4.06 -9.57
CA VAL A 232 15.05 3.22 -10.71
C VAL A 232 14.41 1.83 -10.62
N ASN A 233 14.40 1.23 -9.43
CA ASN A 233 13.79 -0.09 -9.26
C ASN A 233 12.29 -0.07 -9.55
N THR A 234 11.65 1.07 -9.29
CA THR A 234 10.21 1.21 -9.57
C THR A 234 9.99 1.19 -11.09
N VAL A 235 10.81 1.95 -11.82
CA VAL A 235 10.72 1.97 -13.29
C VAL A 235 10.92 0.56 -13.86
N VAL A 236 11.97 -0.10 -13.38
CA VAL A 236 12.35 -1.45 -13.84
C VAL A 236 11.33 -2.56 -13.51
N ALA A 237 10.93 -2.66 -12.25
CA ALA A 237 9.97 -3.70 -11.86
C ALA A 237 8.62 -3.52 -12.55
N THR A 238 8.16 -2.27 -12.68
CA THR A 238 6.88 -2.03 -13.35
C THR A 238 6.94 -2.51 -14.80
N ALA A 239 8.00 -2.11 -15.51
CA ALA A 239 8.20 -2.51 -16.91
C ALA A 239 8.31 -4.02 -17.05
N ALA A 240 9.08 -4.66 -16.18
CA ALA A 240 9.25 -6.11 -16.24
C ALA A 240 7.93 -6.85 -16.01
N ALA A 241 7.10 -6.31 -15.11
CA ALA A 241 5.79 -6.93 -14.78
C ALA A 241 4.77 -6.75 -15.91
N ILE A 242 4.85 -5.62 -16.62
CA ILE A 242 3.96 -5.38 -17.75
C ILE A 242 4.31 -6.45 -18.78
N LEU A 243 5.60 -6.62 -19.05
CA LEU A 243 6.03 -7.61 -20.04
C LEU A 243 5.74 -9.05 -19.60
N GLY A 244 5.89 -9.34 -18.32
CA GLY A 244 5.61 -10.69 -17.79
C GLY A 244 4.14 -11.04 -17.95
N TRP A 245 3.27 -10.14 -17.50
CA TRP A 245 1.81 -10.34 -17.59
C TRP A 245 1.39 -10.53 -19.05
N ILE A 246 1.80 -9.59 -19.90
CA ILE A 246 1.49 -9.60 -21.34
C ILE A 246 1.99 -10.88 -22.03
N PHE A 247 3.17 -11.35 -21.65
CA PHE A 247 3.66 -12.59 -22.25
C PHE A 247 2.77 -13.75 -21.83
N GLY A 248 2.42 -13.80 -20.55
CA GLY A 248 1.55 -14.88 -20.02
C GLY A 248 0.20 -14.82 -20.71
N GLU A 249 -0.31 -13.62 -20.89
CA GLU A 249 -1.60 -13.40 -21.55
C GLU A 249 -1.53 -13.86 -23.01
N TRP A 250 -0.45 -13.51 -23.70
CA TRP A 250 -0.27 -13.92 -25.09
C TRP A 250 -0.18 -15.44 -25.18
N ALA A 251 0.53 -16.05 -24.23
CA ALA A 251 0.70 -17.51 -24.22
C ALA A 251 -0.58 -18.26 -23.87
N LEU A 252 -1.35 -17.74 -22.94
CA LEU A 252 -2.59 -18.40 -22.48
C LEU A 252 -3.88 -18.00 -23.20
N ARG A 253 -3.95 -16.78 -23.69
CA ARG A 253 -5.14 -16.27 -24.36
C ARG A 253 -4.93 -15.95 -25.84
N GLY A 254 -3.69 -16.04 -26.29
CA GLY A 254 -3.37 -15.78 -27.70
C GLY A 254 -3.04 -14.36 -28.09
N LYS A 255 -3.36 -13.40 -27.21
CA LYS A 255 -3.12 -11.98 -27.46
C LYS A 255 -3.09 -11.16 -26.16
N PRO A 256 -2.37 -10.03 -26.17
CA PRO A 256 -2.42 -9.12 -25.03
C PRO A 256 -3.71 -8.30 -25.04
N SER A 257 -4.01 -7.65 -23.92
CA SER A 257 -5.20 -6.81 -23.81
C SER A 257 -4.82 -5.58 -23.02
N LEU A 258 -5.59 -4.50 -23.14
CA LEU A 258 -5.27 -3.30 -22.37
C LEU A 258 -5.36 -3.54 -20.87
N LEU A 259 -6.40 -4.26 -20.44
CA LEU A 259 -6.57 -4.53 -19.00
C LEU A 259 -5.38 -5.35 -18.47
N GLY A 260 -4.89 -6.27 -19.28
CA GLY A 260 -3.73 -7.09 -18.90
C GLY A 260 -2.49 -6.23 -18.69
N ALA A 261 -2.24 -5.32 -19.63
CA ALA A 261 -1.08 -4.40 -19.53
C ALA A 261 -1.17 -3.53 -18.27
N CYS A 262 -2.36 -2.99 -18.00
CA CYS A 262 -2.55 -2.15 -16.80
C CYS A 262 -2.38 -2.99 -15.53
N SER A 263 -2.94 -4.20 -15.53
CA SER A 263 -2.85 -5.11 -14.37
C SER A 263 -1.38 -5.48 -14.12
N GLY A 264 -0.63 -5.69 -15.21
CA GLY A 264 0.80 -6.01 -15.13
C GLY A 264 1.56 -4.87 -14.47
N ALA A 265 1.26 -3.63 -14.85
CA ALA A 265 1.92 -2.46 -14.26
C ALA A 265 1.70 -2.45 -12.74
N ILE A 266 0.45 -2.64 -12.34
CA ILE A 266 0.09 -2.66 -10.92
C ILE A 266 0.78 -3.82 -10.18
N ALA A 267 0.84 -4.98 -10.84
CA ALA A 267 1.51 -6.16 -10.24
C ALA A 267 2.98 -5.86 -9.93
N GLY A 268 3.66 -5.17 -10.84
CA GLY A 268 5.08 -4.83 -10.65
C GLY A 268 5.28 -3.77 -9.58
N LEU A 269 4.37 -2.79 -9.56
CA LEU A 269 4.40 -1.70 -8.58
C LEU A 269 4.21 -2.25 -7.17
N VAL A 270 3.26 -3.17 -7.03
CA VAL A 270 2.96 -3.81 -5.75
C VAL A 270 4.12 -4.71 -5.32
N GLY A 271 4.58 -5.56 -6.23
CA GLY A 271 5.67 -6.48 -5.92
C GLY A 271 6.96 -5.78 -5.49
N VAL A 272 7.28 -4.67 -6.13
CA VAL A 272 8.52 -3.94 -5.80
C VAL A 272 8.43 -3.03 -4.57
N THR A 273 7.21 -2.74 -4.15
CA THR A 273 6.94 -1.87 -2.99
C THR A 273 7.78 -2.22 -1.74
N PRO A 274 7.72 -3.47 -1.25
CA PRO A 274 8.55 -3.74 -0.07
C PRO A 274 10.06 -3.83 -0.32
N ALA A 275 10.45 -4.07 -1.57
CA ALA A 275 11.85 -4.26 -1.93
C ALA A 275 12.64 -3.13 -2.56
N CYS A 276 11.94 -2.16 -3.14
CA CYS A 276 12.58 -1.07 -3.90
C CYS A 276 13.84 -0.42 -3.33
N GLY A 277 13.88 -0.14 -2.04
CA GLY A 277 15.06 0.49 -1.44
C GLY A 277 16.12 -0.47 -0.93
N TYR A 278 15.93 -1.76 -1.15
CA TYR A 278 16.87 -2.78 -0.66
C TYR A 278 17.53 -3.67 -1.71
N ILE A 279 16.98 -3.68 -2.92
CA ILE A 279 17.50 -4.55 -3.99
C ILE A 279 18.27 -3.84 -5.10
N GLY A 280 18.92 -4.65 -5.96
CA GLY A 280 19.64 -4.13 -7.12
C GLY A 280 18.69 -4.14 -8.30
N VAL A 281 19.06 -3.49 -9.40
CA VAL A 281 18.20 -3.44 -10.59
C VAL A 281 17.92 -4.84 -11.18
N GLY A 282 18.87 -5.76 -11.02
CA GLY A 282 18.71 -7.14 -11.50
C GLY A 282 17.57 -7.78 -10.70
N GLY A 283 17.59 -7.53 -9.40
CA GLY A 283 16.56 -8.03 -8.49
C GLY A 283 15.20 -7.44 -8.83
N ALA A 284 15.18 -6.15 -9.18
CA ALA A 284 13.93 -5.46 -9.55
C ALA A 284 13.32 -6.09 -10.80
N LEU A 285 14.17 -6.42 -11.77
CA LEU A 285 13.72 -7.02 -13.01
C LEU A 285 13.12 -8.41 -12.73
N ILE A 286 13.79 -9.20 -11.90
CA ILE A 286 13.32 -10.55 -11.55
C ILE A 286 12.01 -10.47 -10.77
N ILE A 287 11.95 -9.60 -9.76
CA ILE A 287 10.74 -9.41 -8.96
C ILE A 287 9.59 -8.96 -9.86
N GLY A 288 9.87 -8.03 -10.77
CA GLY A 288 8.86 -7.54 -11.71
C GLY A 288 8.24 -8.66 -12.54
N VAL A 289 9.09 -9.46 -13.21
CA VAL A 289 8.59 -10.57 -14.04
C VAL A 289 7.77 -11.59 -13.23
N VAL A 290 8.30 -11.98 -12.06
CA VAL A 290 7.64 -12.96 -11.19
C VAL A 290 6.29 -12.39 -10.69
N ALA A 291 6.28 -11.11 -10.31
CA ALA A 291 5.05 -10.46 -9.83
C ALA A 291 3.98 -10.42 -10.93
N GLY A 292 4.38 -10.07 -12.15
CA GLY A 292 3.47 -9.97 -13.29
C GLY A 292 2.81 -11.32 -13.56
N LEU A 293 3.60 -12.38 -13.51
CA LEU A 293 3.10 -13.74 -13.75
C LEU A 293 2.25 -14.24 -12.59
N ALA A 294 2.68 -13.95 -11.37
CA ALA A 294 1.96 -14.37 -10.16
C ALA A 294 0.62 -13.64 -10.10
N GLY A 295 0.63 -12.39 -10.54
CA GLY A 295 -0.57 -11.54 -10.57
C GLY A 295 -1.59 -12.12 -11.54
N LEU A 296 -1.12 -12.54 -12.71
CA LEU A 296 -2.00 -13.13 -13.72
C LEU A 296 -2.57 -14.44 -13.19
N TRP A 297 -1.73 -15.23 -12.53
CA TRP A 297 -2.18 -16.50 -11.95
C TRP A 297 -3.23 -16.23 -10.89
N GLY A 298 -2.95 -15.23 -10.04
CA GLY A 298 -3.85 -14.81 -8.97
C GLY A 298 -5.24 -14.45 -9.43
N VAL A 299 -5.34 -13.53 -10.39
CA VAL A 299 -6.65 -13.13 -10.93
C VAL A 299 -7.35 -14.30 -11.62
N THR A 300 -6.57 -15.11 -12.36
CA THR A 300 -7.09 -16.28 -13.06
C THR A 300 -7.80 -17.19 -12.06
N MET A 301 -7.20 -17.32 -10.87
CA MET A 301 -7.78 -18.10 -9.80
C MET A 301 -8.72 -17.14 -9.05
N LEU A 302 -8.67 -17.13 -7.72
CA LEU A 302 -9.51 -16.25 -6.90
C LEU A 302 -11.00 -16.57 -7.13
N PRO A 311 -15.01 -6.05 -9.29
CA PRO A 311 -13.70 -5.40 -9.16
C PRO A 311 -12.87 -5.95 -7.99
N CYS A 312 -13.39 -6.92 -7.25
CA CYS A 312 -12.65 -7.50 -6.13
C CYS A 312 -11.46 -8.37 -6.57
N ASP A 313 -11.41 -8.68 -7.87
CA ASP A 313 -10.30 -9.46 -8.44
C ASP A 313 -9.01 -8.67 -8.26
N VAL A 314 -9.14 -7.35 -8.13
CA VAL A 314 -8.02 -6.42 -7.92
C VAL A 314 -7.24 -6.83 -6.65
N PHE A 315 -7.95 -7.33 -5.65
CA PHE A 315 -7.32 -7.77 -4.39
C PHE A 315 -6.44 -8.99 -4.62
N GLY A 316 -6.69 -9.72 -5.71
CA GLY A 316 -5.90 -10.87 -6.09
C GLY A 316 -4.51 -10.39 -6.46
N VAL A 317 -4.44 -9.26 -7.17
CA VAL A 317 -3.16 -8.68 -7.56
C VAL A 317 -2.44 -8.09 -6.35
N PHE A 318 -3.13 -7.23 -5.60
CA PHE A 318 -2.50 -6.63 -4.41
C PHE A 318 -2.07 -7.65 -3.37
N GLY A 319 -2.89 -8.68 -3.16
CA GLY A 319 -2.60 -9.73 -2.19
C GLY A 319 -1.48 -10.65 -2.63
N VAL A 320 -1.65 -11.26 -3.80
CA VAL A 320 -0.62 -12.18 -4.32
C VAL A 320 0.72 -11.50 -4.58
N CYS A 321 0.69 -10.35 -5.26
CA CYS A 321 1.93 -9.63 -5.56
C CYS A 321 2.60 -9.06 -4.31
N GLY A 322 1.80 -8.68 -3.32
CA GLY A 322 2.33 -8.15 -2.05
C GLY A 322 3.09 -9.26 -1.32
N ILE A 323 2.49 -10.45 -1.29
CA ILE A 323 3.12 -11.59 -0.64
C ILE A 323 4.42 -11.94 -1.36
N VAL A 324 4.34 -12.06 -2.69
CA VAL A 324 5.50 -12.39 -3.52
C VAL A 324 6.63 -11.36 -3.29
N GLY A 325 6.28 -10.09 -3.34
CA GLY A 325 7.23 -9.00 -3.13
C GLY A 325 7.88 -9.06 -1.74
N CYS A 326 7.06 -9.29 -0.72
CA CYS A 326 7.58 -9.38 0.66
C CYS A 326 8.54 -10.55 0.82
N ILE A 327 8.21 -11.69 0.22
CA ILE A 327 9.09 -12.87 0.32
C ILE A 327 10.41 -12.60 -0.43
N MET A 328 10.30 -12.11 -1.67
CA MET A 328 11.45 -11.84 -2.53
C MET A 328 12.42 -10.77 -2.00
N THR A 329 11.90 -9.86 -1.17
CA THR A 329 12.71 -8.83 -0.54
C THR A 329 13.75 -9.55 0.35
N GLY A 330 13.29 -10.64 0.99
CA GLY A 330 14.13 -11.47 1.87
C GLY A 330 15.22 -12.21 1.15
N ILE A 331 15.15 -12.24 -0.17
CA ILE A 331 16.16 -12.90 -0.99
C ILE A 331 17.07 -11.86 -1.66
N PHE A 332 16.46 -10.95 -2.40
CA PHE A 332 17.19 -9.93 -3.16
C PHE A 332 17.87 -8.77 -2.44
N ALA A 333 17.64 -8.64 -1.14
CA ALA A 333 18.30 -7.61 -0.33
C ALA A 333 19.76 -8.06 -0.13
N ALA A 334 20.02 -9.36 -0.37
CA ALA A 334 21.36 -9.92 -0.21
C ALA A 334 22.42 -9.22 -1.06
N SER A 335 23.57 -8.92 -0.44
CA SER A 335 24.68 -8.25 -1.12
C SER A 335 25.10 -9.04 -2.37
N SER A 336 25.22 -10.36 -2.21
CA SER A 336 25.63 -11.25 -3.30
C SER A 336 24.69 -11.20 -4.51
N LEU A 337 23.48 -10.68 -4.33
CA LEU A 337 22.51 -10.58 -5.42
C LEU A 337 22.28 -9.15 -5.88
N GLY A 338 23.20 -8.27 -5.49
CA GLY A 338 23.12 -6.86 -5.86
C GLY A 338 22.32 -5.95 -4.93
N GLY A 339 21.85 -6.48 -3.81
CA GLY A 339 21.08 -5.69 -2.84
C GLY A 339 21.98 -4.88 -1.92
N VAL A 340 21.37 -4.12 -1.02
CA VAL A 340 22.12 -3.29 -0.06
C VAL A 340 22.71 -4.12 1.08
N GLY A 341 22.26 -5.37 1.21
CA GLY A 341 22.75 -6.28 2.23
C GLY A 341 21.83 -6.38 3.43
N PHE A 342 21.74 -7.56 4.02
CA PHE A 342 20.92 -7.77 5.22
C PHE A 342 21.66 -7.13 6.40
N ALA A 343 20.95 -6.93 7.51
CA ALA A 343 21.57 -6.37 8.71
C ALA A 343 22.70 -7.30 9.17
N GLU A 344 23.63 -6.77 9.98
CA GLU A 344 24.73 -7.57 10.49
C GLU A 344 24.21 -8.80 11.23
N GLY A 345 24.84 -9.94 10.97
CA GLY A 345 24.49 -11.21 11.63
C GLY A 345 23.21 -11.91 11.21
N VAL A 346 22.64 -11.46 10.11
CA VAL A 346 21.41 -12.03 9.58
C VAL A 346 21.65 -12.79 8.29
N THR A 347 21.25 -14.05 8.27
CA THR A 347 21.40 -14.89 7.09
C THR A 347 20.15 -14.73 6.23
N MET A 348 20.23 -15.18 4.99
CA MET A 348 19.09 -15.09 4.08
C MET A 348 17.97 -15.94 4.66
N GLY A 349 18.33 -17.12 5.18
CA GLY A 349 17.38 -18.06 5.80
C GLY A 349 16.61 -17.39 6.92
N HIS A 350 17.35 -16.76 7.84
CA HIS A 350 16.74 -16.05 8.95
C HIS A 350 15.82 -14.91 8.48
N GLN A 351 16.24 -14.14 7.48
CA GLN A 351 15.44 -13.02 6.96
C GLN A 351 14.14 -13.48 6.30
N LEU A 352 14.22 -14.60 5.56
CA LEU A 352 13.07 -15.15 4.89
C LEU A 352 12.00 -15.54 5.92
N LEU A 353 12.42 -16.16 7.02
CA LEU A 353 11.49 -16.55 8.08
C LEU A 353 10.79 -15.30 8.66
N VAL A 354 11.54 -14.22 8.85
CA VAL A 354 10.99 -12.98 9.37
C VAL A 354 9.98 -12.39 8.37
N GLN A 355 10.25 -12.49 7.07
CA GLN A 355 9.34 -11.98 6.05
C GLN A 355 8.03 -12.77 6.09
N LEU A 356 8.15 -14.10 6.16
CA LEU A 356 6.98 -15.00 6.21
C LEU A 356 6.11 -14.73 7.45
N GLU A 357 6.77 -14.55 8.59
CA GLU A 357 6.09 -14.27 9.84
C GLU A 357 5.34 -12.94 9.77
N SER A 358 5.96 -11.92 9.15
CA SER A 358 5.35 -10.60 9.01
C SER A 358 4.11 -10.66 8.12
N ILE A 359 4.19 -11.45 7.05
CA ILE A 359 3.10 -11.66 6.11
C ILE A 359 1.94 -12.36 6.85
N ALA A 360 2.25 -13.46 7.53
CA ALA A 360 1.23 -14.23 8.27
C ALA A 360 0.52 -13.35 9.30
N ILE A 361 1.28 -12.57 10.06
CA ILE A 361 0.72 -11.68 11.08
C ILE A 361 -0.19 -10.61 10.43
N THR A 362 0.25 -10.04 9.32
CA THR A 362 -0.53 -9.02 8.61
C THR A 362 -1.87 -9.57 8.12
N ILE A 363 -1.83 -10.75 7.53
CA ILE A 363 -3.03 -11.40 7.00
C ILE A 363 -4.05 -11.66 8.12
N VAL A 364 -3.61 -12.32 9.19
CA VAL A 364 -4.52 -12.64 10.31
C VAL A 364 -5.07 -11.37 10.98
N TRP A 365 -4.18 -10.44 11.31
CA TRP A 365 -4.56 -9.18 11.96
C TRP A 365 -5.59 -8.43 11.12
N SER A 366 -5.28 -8.18 9.85
CA SER A 366 -6.20 -7.46 8.97
C SER A 366 -7.53 -8.18 8.77
N GLY A 367 -7.46 -9.50 8.56
CA GLY A 367 -8.65 -10.34 8.37
C GLY A 367 -9.63 -10.32 9.52
N VAL A 368 -9.09 -10.48 10.73
CA VAL A 368 -9.89 -10.46 11.96
C VAL A 368 -10.53 -9.08 12.16
N VAL A 369 -9.73 -8.03 12.08
CA VAL A 369 -10.23 -6.66 12.24
C VAL A 369 -11.29 -6.31 11.20
N ALA A 370 -11.04 -6.70 9.94
CA ALA A 370 -11.98 -6.45 8.86
C ALA A 370 -13.30 -7.15 9.16
N PHE A 371 -13.23 -8.40 9.61
CA PHE A 371 -14.43 -9.15 9.95
C PHE A 371 -15.23 -8.40 11.02
N ILE A 372 -14.54 -7.95 12.07
CA ILE A 372 -15.15 -7.20 13.17
C ILE A 372 -15.78 -5.89 12.65
N GLY A 373 -15.07 -5.22 11.77
CA GLY A 373 -15.54 -3.96 11.16
C GLY A 373 -16.84 -4.14 10.39
N TYR A 374 -16.85 -5.14 9.51
CA TYR A 374 -18.03 -5.44 8.70
C TYR A 374 -19.22 -5.89 9.56
N LYS A 375 -18.93 -6.67 10.60
CA LYS A 375 -19.96 -7.16 11.51
C LYS A 375 -20.59 -6.04 12.33
N LEU A 376 -19.77 -5.13 12.86
CA LEU A 376 -20.27 -4.00 13.64
C LEU A 376 -21.17 -3.11 12.76
N ALA A 377 -20.73 -2.88 11.52
CA ALA A 377 -21.52 -2.07 10.57
C ALA A 377 -22.86 -2.76 10.29
N ASP A 378 -22.80 -4.07 10.03
CA ASP A 378 -24.00 -4.86 9.74
C ASP A 378 -24.99 -4.90 10.91
N LEU A 379 -24.46 -4.93 12.13
CA LEU A 379 -25.30 -4.96 13.32
C LEU A 379 -25.91 -3.59 13.63
N THR A 380 -25.20 -2.52 13.26
CA THR A 380 -25.64 -1.16 13.52
C THR A 380 -26.56 -0.55 12.44
N VAL A 381 -26.11 -0.59 11.18
CA VAL A 381 -26.86 0.00 10.08
C VAL A 381 -27.22 -0.96 8.93
N GLY A 382 -26.59 -2.14 8.92
CA GLY A 382 -26.81 -3.12 7.86
C GLY A 382 -25.75 -2.91 6.78
N LEU A 383 -25.04 -3.98 6.44
CA LEU A 383 -23.96 -3.95 5.44
C LEU A 383 -24.37 -3.74 3.98
N ARG A 384 -25.18 -4.66 3.45
CA ARG A 384 -25.61 -4.62 2.05
C ARG A 384 -26.40 -3.37 1.69
N VAL A 385 -26.00 -2.74 0.59
CA VAL A 385 -26.63 -1.53 0.07
C VAL A 385 -28.14 -1.73 -0.04
N PRO A 386 -28.94 -0.81 0.54
CA PRO A 386 -30.39 -0.96 0.55
C PRO A 386 -31.01 -0.80 -0.85
C ACT B . 11.31 -1.17 6.94
O ACT B . 10.50 -1.78 7.71
OXT ACT B . 11.89 -1.86 6.06
CH3 ACT B . 11.58 0.29 7.08
N1 IMD C . 7.16 4.37 5.73
C2 IMD C . 7.67 4.07 4.52
N3 IMD C . 6.81 4.49 3.57
C4 IMD C . 5.74 5.05 4.18
C5 IMD C . 5.96 4.98 5.53
N1 IMD D . 10.07 9.19 6.67
C2 IMD D . 9.08 8.72 5.89
N3 IMD D . 9.51 7.61 5.25
C4 IMD D . 10.78 7.38 5.64
C5 IMD D . 11.14 8.37 6.54
#